data_1D0Q
#
_entry.id   1D0Q
#
_cell.length_a   36.170
_cell.length_b   58.745
_cell.length_c   45.750
_cell.angle_alpha   90.00
_cell.angle_beta   91.73
_cell.angle_gamma   90.00
#
_symmetry.space_group_name_H-M   'P 1 21 1'
#
loop_
_entity.id
_entity.type
_entity.pdbx_description
1 polymer 'DNA PRIMASE'
2 non-polymer 'ZINC ION'
3 water water
#
_entity_poly.entity_id   1
_entity_poly.type   'polypeptide(L)'
_entity_poly.pdbx_seq_one_letter_code
;MGHRIPEETIEAIRRGVDIVDVIGEYVQLKRQGRNYFGLCPFHGEKTPSFSVSPEKQIFHCFGCGAGGNAFTFLMDIEGI
PFVEAAKRLAAKAGVDLSVYELD
;
_entity_poly.pdbx_strand_id   A,B
#
# COMPACT_ATOMS: atom_id res chain seq x y z
N GLY A 2 -5.02 -9.68 7.34
CA GLY A 2 -5.32 -10.18 8.73
C GLY A 2 -6.34 -11.25 8.41
N HIS A 3 -7.44 -10.77 7.85
CA HIS A 3 -8.50 -11.67 7.38
C HIS A 3 -8.75 -12.78 8.38
N ARG A 4 -9.12 -13.94 7.86
CA ARG A 4 -9.40 -15.30 8.17
C ARG A 4 -8.34 -16.04 8.97
N ILE A 5 -7.17 -15.51 9.22
CA ILE A 5 -6.12 -16.08 10.05
C ILE A 5 -6.09 -15.24 11.31
N PRO A 6 -6.11 -15.89 12.48
CA PRO A 6 -6.11 -15.18 13.75
C PRO A 6 -4.85 -14.38 13.93
N GLU A 7 -4.93 -13.28 14.67
CA GLU A 7 -3.79 -12.37 14.85
C GLU A 7 -2.59 -13.06 15.48
N GLU A 8 -2.82 -13.94 16.45
CA GLU A 8 -1.71 -14.65 17.04
C GLU A 8 -1.00 -15.62 16.08
N THR A 9 -1.75 -16.12 15.11
CA THR A 9 -1.25 -17.06 14.12
C THR A 9 -0.42 -16.26 13.10
N ILE A 10 -0.91 -15.05 12.80
CA ILE A 10 -0.15 -14.23 11.88
C ILE A 10 1.18 -13.90 12.56
N GLU A 11 1.24 -13.59 13.84
CA GLU A 11 2.51 -13.35 14.53
C GLU A 11 3.38 -14.60 14.61
N ALA A 12 2.85 -15.82 14.71
CA ALA A 12 3.66 -17.04 14.72
C ALA A 12 4.28 -17.21 13.34
N ILE A 13 3.59 -16.87 12.23
CA ILE A 13 4.13 -16.97 10.89
C ILE A 13 5.33 -16.02 10.76
N ARG A 14 5.11 -14.75 11.07
CA ARG A 14 6.18 -13.76 10.90
C ARG A 14 7.39 -14.16 11.76
N ARG A 15 7.28 -14.64 13.00
CA ARG A 15 8.39 -15.10 13.81
C ARG A 15 9.09 -16.33 13.24
N GLY A 16 8.29 -17.17 12.59
CA GLY A 16 8.75 -18.41 12.01
C GLY A 16 9.43 -18.30 10.66
N VAL A 17 9.53 -17.11 10.07
CA VAL A 17 10.26 -16.94 8.82
C VAL A 17 11.27 -15.80 9.01
N ASP A 18 12.31 -15.90 8.18
CA ASP A 18 13.32 -14.85 8.20
C ASP A 18 13.18 -14.16 6.83
N ILE A 19 12.90 -12.87 6.64
CA ILE A 19 12.81 -12.31 5.30
C ILE A 19 14.11 -12.46 4.52
N VAL A 20 15.30 -12.59 5.09
CA VAL A 20 16.54 -12.75 4.35
C VAL A 20 16.42 -14.08 3.64
N ASP A 21 16.00 -15.11 4.37
CA ASP A 21 15.78 -16.45 3.81
C ASP A 21 14.68 -16.41 2.76
N VAL A 22 13.53 -15.77 3.08
CA VAL A 22 12.50 -15.66 2.03
C VAL A 22 12.93 -15.00 0.73
N ILE A 23 13.52 -13.80 0.83
CA ILE A 23 14.02 -13.06 -0.38
C ILE A 23 15.21 -13.73 -1.04
N GLY A 24 16.08 -14.42 -0.27
CA GLY A 24 17.16 -15.16 -0.89
C GLY A 24 16.75 -16.27 -1.85
N GLU A 25 15.48 -16.67 -1.96
CA GLU A 25 14.93 -17.63 -2.88
C GLU A 25 14.64 -16.96 -4.21
N TYR A 26 14.76 -15.62 -4.28
CA TYR A 26 14.45 -14.89 -5.53
C TYR A 26 15.59 -13.95 -5.91
N VAL A 27 16.40 -13.52 -4.93
CA VAL A 27 17.45 -12.53 -5.09
C VAL A 27 18.80 -12.96 -4.52
N GLN A 28 19.87 -12.76 -5.31
CA GLN A 28 21.17 -13.14 -4.70
C GLN A 28 21.60 -12.01 -3.77
N LEU A 29 21.69 -12.38 -2.49
CA LEU A 29 22.06 -11.35 -1.52
C LEU A 29 23.48 -11.52 -0.96
N LYS A 30 24.07 -10.35 -0.67
CA LYS A 30 25.39 -10.41 -0.03
C LYS A 30 25.40 -9.44 1.15
N ARG A 31 25.85 -10.01 2.26
CA ARG A 31 25.93 -9.16 3.44
C ARG A 31 26.90 -7.98 3.40
N GLN A 32 26.45 -6.84 3.85
CA GLN A 32 27.38 -5.69 3.94
C GLN A 32 27.03 -5.14 5.31
N GLY A 33 27.88 -5.48 6.27
CA GLY A 33 27.74 -5.06 7.65
C GLY A 33 26.45 -5.66 8.22
N ARG A 34 25.51 -4.77 8.56
CA ARG A 34 24.33 -5.42 9.13
C ARG A 34 23.15 -5.63 8.21
N ASN A 35 23.32 -5.37 6.93
CA ASN A 35 22.24 -5.54 5.96
C ASN A 35 22.62 -6.46 4.81
N TYR A 36 21.67 -6.87 3.98
CA TYR A 36 22.02 -7.70 2.81
C TYR A 36 21.58 -6.88 1.60
N PHE A 37 22.38 -6.90 0.54
CA PHE A 37 22.20 -6.15 -0.68
C PHE A 37 22.25 -7.02 -1.92
N GLY A 38 21.56 -6.52 -2.95
CA GLY A 38 21.58 -7.22 -4.23
C GLY A 38 20.91 -6.38 -5.30
N LEU A 39 20.76 -6.99 -6.48
CA LEU A 39 20.00 -6.34 -7.57
C LEU A 39 18.50 -6.50 -7.29
N CYS A 40 17.78 -5.44 -7.68
CA CYS A 40 16.33 -5.33 -7.50
C CYS A 40 15.68 -6.28 -8.51
N PRO A 41 14.82 -7.24 -8.18
CA PRO A 41 14.04 -8.05 -9.10
C PRO A 41 12.72 -7.44 -9.58
N PHE A 42 12.36 -6.25 -9.08
CA PHE A 42 11.12 -5.54 -9.32
C PHE A 42 11.30 -4.49 -10.42
N HIS A 43 12.47 -3.88 -10.53
CA HIS A 43 12.74 -2.79 -11.46
C HIS A 43 14.10 -2.99 -12.15
N GLY A 44 14.25 -2.51 -13.38
CA GLY A 44 15.48 -2.78 -14.15
C GLY A 44 16.60 -1.78 -13.97
N GLU A 45 17.72 -2.25 -13.40
CA GLU A 45 18.86 -1.36 -13.21
C GLU A 45 20.07 -2.26 -13.10
N LYS A 46 21.17 -1.85 -13.70
CA LYS A 46 22.41 -2.60 -13.67
C LYS A 46 23.11 -2.69 -12.33
N THR A 47 23.00 -1.62 -11.55
CA THR A 47 23.61 -1.53 -10.25
C THR A 47 22.68 -1.95 -9.13
N PRO A 48 23.23 -2.54 -8.09
CA PRO A 48 22.50 -2.98 -6.90
C PRO A 48 21.88 -1.83 -6.13
N SER A 49 20.59 -1.97 -5.81
CA SER A 49 19.88 -0.92 -5.08
C SER A 49 18.89 -1.46 -4.06
N PHE A 50 18.93 -2.79 -3.90
CA PHE A 50 17.94 -3.44 -3.04
C PHE A 50 18.61 -3.91 -1.76
N SER A 51 18.01 -3.61 -0.63
CA SER A 51 18.58 -3.96 0.66
C SER A 51 17.61 -4.70 1.55
N VAL A 52 18.10 -5.57 2.43
CA VAL A 52 17.29 -6.34 3.37
C VAL A 52 17.84 -6.21 4.80
N SER A 53 17.01 -5.88 5.79
CA SER A 53 17.46 -5.77 7.16
C SER A 53 17.08 -7.00 7.98
N PRO A 54 18.06 -7.74 8.46
CA PRO A 54 17.79 -8.90 9.29
C PRO A 54 17.12 -8.46 10.58
N GLU A 55 17.60 -7.40 11.22
CA GLU A 55 17.03 -6.91 12.48
C GLU A 55 15.61 -6.41 12.35
N LYS A 56 15.31 -5.58 11.36
CA LYS A 56 13.96 -5.05 11.22
C LYS A 56 12.93 -5.88 10.45
N GLN A 57 13.44 -6.90 9.75
CA GLN A 57 12.67 -7.87 8.96
C GLN A 57 11.90 -7.14 7.87
N ILE A 58 12.59 -6.30 7.12
CA ILE A 58 11.99 -5.58 6.03
C ILE A 58 12.97 -5.46 4.87
N PHE A 59 12.49 -5.04 3.72
CA PHE A 59 13.42 -4.80 2.61
C PHE A 59 13.13 -3.41 2.03
N HIS A 60 14.00 -2.96 1.13
CA HIS A 60 13.74 -1.67 0.48
C HIS A 60 14.57 -1.56 -0.79
N CYS A 61 14.01 -0.93 -1.81
CA CYS A 61 14.77 -0.67 -3.03
C CYS A 61 14.71 0.85 -3.21
N PHE A 62 15.85 1.55 -3.28
CA PHE A 62 15.75 2.98 -3.53
C PHE A 62 15.63 3.33 -5.01
N GLY A 63 15.84 2.40 -5.95
CA GLY A 63 15.69 2.66 -7.37
C GLY A 63 14.22 2.46 -7.78
N CYS A 64 13.30 1.98 -6.96
CA CYS A 64 11.88 1.90 -7.37
C CYS A 64 10.88 2.04 -6.22
N GLY A 65 11.35 2.13 -4.98
CA GLY A 65 10.46 2.28 -3.85
C GLY A 65 9.88 0.96 -3.37
N ALA A 66 9.99 -0.21 -4.01
CA ALA A 66 9.44 -1.40 -3.39
C ALA A 66 10.02 -1.60 -2.00
N GLY A 67 9.25 -2.21 -1.12
CA GLY A 67 9.69 -2.46 0.23
C GLY A 67 8.54 -2.99 1.06
N GLY A 68 8.92 -3.23 2.30
CA GLY A 68 8.06 -3.73 3.35
C GLY A 68 8.48 -5.06 3.93
N ASN A 69 7.48 -5.78 4.45
CA ASN A 69 7.80 -7.05 5.08
C ASN A 69 7.73 -8.28 4.17
N ALA A 70 7.81 -9.51 4.68
CA ALA A 70 7.80 -10.73 3.88
C ALA A 70 6.47 -10.94 3.16
N PHE A 71 5.39 -10.38 3.74
CA PHE A 71 4.10 -10.54 3.07
C PHE A 71 4.07 -9.69 1.80
N THR A 72 4.48 -8.44 1.87
CA THR A 72 4.51 -7.49 0.78
C THR A 72 5.46 -8.10 -0.26
N PHE A 73 6.64 -8.53 0.20
CA PHE A 73 7.58 -9.07 -0.78
C PHE A 73 6.96 -10.22 -1.57
N LEU A 74 6.43 -11.27 -0.97
CA LEU A 74 5.90 -12.40 -1.69
C LEU A 74 4.71 -12.11 -2.58
N MET A 75 3.79 -11.26 -2.06
CA MET A 75 2.64 -10.91 -2.88
C MET A 75 3.02 -10.16 -4.13
N ASP A 76 3.95 -9.22 -4.05
CA ASP A 76 4.38 -8.45 -5.20
C ASP A 76 5.33 -9.29 -6.09
N ILE A 77 6.18 -10.16 -5.58
CA ILE A 77 7.11 -10.88 -6.41
C ILE A 77 6.40 -11.94 -7.26
N GLU A 78 5.40 -12.58 -6.65
CA GLU A 78 4.66 -13.60 -7.40
C GLU A 78 3.28 -13.17 -7.89
N GLY A 79 2.79 -11.99 -7.51
CA GLY A 79 1.48 -11.52 -7.95
C GLY A 79 0.40 -12.44 -7.36
N ILE A 80 0.49 -12.86 -6.13
CA ILE A 80 -0.43 -13.72 -5.40
C ILE A 80 -1.12 -12.93 -4.31
N PRO A 81 -2.35 -13.33 -3.90
CA PRO A 81 -3.13 -12.63 -2.90
C PRO A 81 -2.62 -12.94 -1.51
N PHE A 82 -3.01 -12.22 -0.48
CA PHE A 82 -2.51 -12.48 0.86
C PHE A 82 -2.69 -13.93 1.36
N VAL A 83 -3.80 -14.60 1.10
CA VAL A 83 -4.00 -15.96 1.61
C VAL A 83 -2.92 -16.90 1.03
N GLU A 84 -2.60 -16.77 -0.25
CA GLU A 84 -1.58 -17.64 -0.79
C GLU A 84 -0.22 -17.30 -0.17
N ALA A 85 0.09 -16.01 -0.05
CA ALA A 85 1.38 -15.63 0.57
C ALA A 85 1.43 -16.18 1.99
N ALA A 86 0.34 -16.00 2.78
CA ALA A 86 0.32 -16.55 4.14
C ALA A 86 0.48 -18.07 4.11
N LYS A 87 -0.15 -18.80 3.21
CA LYS A 87 0.07 -20.26 3.19
C LYS A 87 1.54 -20.55 2.88
N ARG A 88 2.19 -19.80 1.99
CA ARG A 88 3.60 -20.15 1.75
C ARG A 88 4.49 -19.86 2.94
N LEU A 89 4.34 -18.67 3.54
CA LEU A 89 5.12 -18.35 4.74
C LEU A 89 4.75 -19.26 5.91
N ALA A 90 3.49 -19.71 6.08
CA ALA A 90 3.16 -20.63 7.14
C ALA A 90 3.86 -21.97 6.91
N ALA A 91 3.95 -22.46 5.68
CA ALA A 91 4.66 -23.73 5.50
C ALA A 91 6.12 -23.55 5.93
N LYS A 92 6.82 -22.45 5.68
CA LYS A 92 8.19 -22.29 6.15
C LYS A 92 8.22 -22.08 7.66
N ALA A 93 7.27 -21.38 8.28
CA ALA A 93 7.22 -21.18 9.70
C ALA A 93 6.83 -22.42 10.52
N GLY A 94 6.30 -23.48 9.87
CA GLY A 94 5.85 -24.60 10.67
C GLY A 94 4.47 -24.40 11.29
N VAL A 95 3.69 -23.49 10.69
CA VAL A 95 2.38 -23.16 11.23
C VAL A 95 1.29 -23.81 10.41
N ASP A 96 0.43 -24.62 11.02
CA ASP A 96 -0.62 -25.27 10.27
C ASP A 96 -1.83 -24.36 10.11
N LEU A 97 -2.27 -24.13 8.88
CA LEU A 97 -3.45 -23.29 8.70
C LEU A 97 -4.69 -24.04 8.24
N SER A 98 -4.62 -25.37 8.17
CA SER A 98 -5.76 -26.12 7.62
C SER A 98 -6.97 -25.97 8.51
N VAL A 99 -6.75 -25.75 9.79
CA VAL A 99 -7.91 -25.60 10.70
C VAL A 99 -8.67 -24.30 10.55
N TYR A 100 -8.14 -23.29 9.87
CA TYR A 100 -8.80 -22.00 9.70
C TYR A 100 -9.65 -22.02 8.44
N GLU A 101 -9.62 -23.06 7.61
CA GLU A 101 -10.43 -23.12 6.39
C GLU A 101 -10.35 -21.95 5.43
N LEU A 102 -9.16 -21.62 4.93
CA LEU A 102 -9.00 -20.48 4.02
C LEU A 102 -9.27 -20.67 2.55
N ASP A 103 -8.35 -20.48 1.62
CA ASP A 103 -7.89 -20.53 0.26
C ASP A 103 -8.16 -19.31 -0.61
N GLY B 2 7.30 0.37 -6.55
CA GLY B 2 6.58 -0.46 -5.55
C GLY B 2 6.33 0.43 -4.35
N HIS B 3 5.69 -0.07 -3.29
CA HIS B 3 5.37 0.63 -2.06
C HIS B 3 5.51 -0.43 -0.95
N ARG B 4 5.35 0.00 0.31
CA ARG B 4 5.39 -0.91 1.44
C ARG B 4 4.12 -1.70 1.70
N ILE B 5 3.10 -1.37 0.90
CA ILE B 5 1.79 -2.00 0.82
C ILE B 5 1.81 -2.69 -0.55
N PRO B 6 1.39 -3.94 -0.69
CA PRO B 6 1.39 -4.65 -1.96
C PRO B 6 0.52 -4.01 -3.02
N GLU B 7 0.88 -4.10 -4.30
CA GLU B 7 0.20 -3.45 -5.40
C GLU B 7 -1.30 -3.76 -5.46
N GLU B 8 -1.56 -5.05 -5.29
CA GLU B 8 -2.91 -5.59 -5.32
C GLU B 8 -3.77 -4.96 -4.22
N THR B 9 -3.16 -4.75 -3.05
CA THR B 9 -3.89 -4.20 -1.92
C THR B 9 -4.17 -2.69 -2.10
N ILE B 10 -3.20 -2.02 -2.73
CA ILE B 10 -3.37 -0.60 -3.04
C ILE B 10 -4.58 -0.45 -3.97
N GLU B 11 -4.63 -1.32 -4.96
CA GLU B 11 -5.76 -1.38 -5.89
C GLU B 11 -7.09 -1.61 -5.17
N ALA B 12 -7.14 -2.58 -4.28
CA ALA B 12 -8.37 -2.87 -3.55
C ALA B 12 -8.75 -1.65 -2.71
N ILE B 13 -7.81 -0.94 -2.11
CA ILE B 13 -8.16 0.26 -1.35
C ILE B 13 -8.81 1.30 -2.27
N ARG B 14 -8.12 1.58 -3.39
CA ARG B 14 -8.69 2.60 -4.28
C ARG B 14 -10.10 2.31 -4.76
N ARG B 15 -10.37 1.06 -5.16
CA ARG B 15 -11.67 0.61 -5.62
C ARG B 15 -12.73 0.57 -4.50
N GLY B 16 -12.27 0.44 -3.25
CA GLY B 16 -13.17 0.38 -2.09
C GLY B 16 -13.57 1.76 -1.59
N VAL B 17 -13.12 2.87 -2.18
CA VAL B 17 -13.58 4.17 -1.62
C VAL B 17 -14.15 5.00 -2.76
N ASP B 18 -14.98 5.95 -2.35
CA ASP B 18 -15.63 6.88 -3.25
C ASP B 18 -15.00 8.24 -3.00
N ILE B 19 -14.30 8.79 -3.99
CA ILE B 19 -13.62 10.09 -3.87
C ILE B 19 -14.63 11.17 -3.45
N VAL B 20 -15.89 11.08 -3.87
CA VAL B 20 -16.86 12.11 -3.41
C VAL B 20 -17.02 12.10 -1.90
N ASP B 21 -17.12 10.90 -1.30
CA ASP B 21 -17.21 10.75 0.15
C ASP B 21 -15.95 11.27 0.84
N VAL B 22 -14.81 10.90 0.23
CA VAL B 22 -13.54 11.35 0.82
C VAL B 22 -13.37 12.88 0.83
N ILE B 23 -13.60 13.47 -0.35
CA ILE B 23 -13.44 14.93 -0.45
C ILE B 23 -14.49 15.72 0.32
N GLY B 24 -15.69 15.19 0.38
CA GLY B 24 -16.81 15.75 1.11
C GLY B 24 -16.67 16.00 2.61
N GLU B 25 -15.67 15.39 3.26
CA GLU B 25 -15.19 15.55 4.63
C GLU B 25 -14.29 16.77 4.76
N TYR B 26 -13.93 17.41 3.62
CA TYR B 26 -13.07 18.57 3.64
C TYR B 26 -13.62 19.78 2.88
N VAL B 27 -14.52 19.60 1.89
CA VAL B 27 -15.03 20.51 0.90
C VAL B 27 -16.55 20.37 0.75
N GLN B 28 -17.24 21.48 0.89
CA GLN B 28 -18.69 21.40 0.71
C GLN B 28 -18.93 21.31 -0.80
N LEU B 29 -19.55 20.20 -1.22
CA LEU B 29 -19.83 19.87 -2.60
C LEU B 29 -21.34 19.89 -2.85
N LYS B 30 -21.58 20.42 -4.04
CA LYS B 30 -22.95 20.44 -4.53
C LYS B 30 -22.97 19.78 -5.91
N ARG B 31 -24.00 18.95 -6.07
CA ARG B 31 -24.18 18.29 -7.35
C ARG B 31 -24.54 19.28 -8.45
N GLN B 32 -24.02 19.09 -9.66
CA GLN B 32 -24.23 19.82 -10.92
C GLN B 32 -23.97 18.79 -12.02
N GLY B 33 -25.11 18.29 -12.56
CA GLY B 33 -24.92 17.22 -13.53
C GLY B 33 -24.47 15.98 -12.78
N ARG B 34 -23.55 15.27 -13.40
CA ARG B 34 -23.05 14.04 -12.78
C ARG B 34 -21.83 14.38 -11.92
N ASN B 35 -21.36 15.62 -11.95
CA ASN B 35 -20.19 15.89 -11.10
C ASN B 35 -20.61 16.69 -9.86
N TYR B 36 -19.64 16.91 -8.98
CA TYR B 36 -19.94 17.66 -7.77
C TYR B 36 -18.96 18.83 -7.80
N PHE B 37 -19.37 20.01 -7.38
CA PHE B 37 -18.57 21.24 -7.41
C PHE B 37 -18.45 22.06 -6.13
N GLY B 38 -17.38 22.84 -5.94
CA GLY B 38 -17.31 23.70 -4.76
C GLY B 38 -16.07 24.58 -4.82
N LEU B 39 -15.76 25.18 -3.67
CA LEU B 39 -14.56 26.01 -3.56
C LEU B 39 -13.36 25.07 -3.32
N CYS B 40 -12.28 25.45 -3.99
CA CYS B 40 -11.02 24.72 -3.93
C CYS B 40 -10.42 25.02 -2.57
N PRO B 41 -10.09 24.00 -1.79
CA PRO B 41 -9.37 24.14 -0.53
C PRO B 41 -7.87 24.30 -0.60
N PHE B 42 -7.28 24.17 -1.75
CA PHE B 42 -5.85 24.29 -2.02
C PHE B 42 -5.41 25.69 -2.47
N HIS B 43 -6.27 26.50 -3.08
CA HIS B 43 -5.91 27.81 -3.58
C HIS B 43 -7.05 28.76 -3.21
N GLY B 44 -6.61 30.00 -3.11
CA GLY B 44 -7.59 31.02 -2.73
C GLY B 44 -8.29 31.76 -3.87
N GLU B 45 -9.61 31.69 -3.92
CA GLU B 45 -10.41 32.42 -4.92
C GLU B 45 -11.87 32.28 -4.47
N LYS B 46 -12.60 33.39 -4.61
CA LYS B 46 -13.99 33.42 -4.15
C LYS B 46 -14.96 32.59 -4.97
N THR B 47 -14.72 32.42 -6.24
CA THR B 47 -15.58 31.67 -7.14
C THR B 47 -15.26 30.18 -7.15
N PRO B 48 -16.29 29.34 -7.09
CA PRO B 48 -16.17 27.89 -7.15
C PRO B 48 -15.48 27.54 -8.46
N SER B 49 -14.53 26.63 -8.36
CA SER B 49 -13.72 26.18 -9.49
C SER B 49 -13.23 24.74 -9.33
N PHE B 50 -13.67 24.15 -8.22
CA PHE B 50 -13.25 22.78 -7.92
C PHE B 50 -14.26 21.75 -8.33
N SER B 51 -13.80 20.73 -9.06
CA SER B 51 -14.79 19.75 -9.52
C SER B 51 -14.41 18.33 -9.20
N VAL B 52 -15.39 17.48 -8.92
CA VAL B 52 -15.08 16.10 -8.58
C VAL B 52 -15.97 15.24 -9.47
N SER B 53 -15.39 14.19 -10.03
CA SER B 53 -16.12 13.26 -10.86
C SER B 53 -16.21 11.89 -10.23
N PRO B 54 -17.43 11.49 -9.84
CA PRO B 54 -17.76 10.19 -9.29
C PRO B 54 -17.43 9.11 -10.33
N GLU B 55 -17.74 9.42 -11.60
CA GLU B 55 -17.48 8.39 -12.60
C GLU B 55 -16.00 8.08 -12.82
N LYS B 56 -15.14 9.10 -12.87
CA LYS B 56 -13.72 8.91 -13.07
C LYS B 56 -12.95 8.72 -11.77
N GLN B 57 -13.60 9.06 -10.66
CA GLN B 57 -13.04 8.97 -9.31
C GLN B 57 -11.79 9.85 -9.24
N ILE B 58 -11.88 11.06 -9.75
CA ILE B 58 -10.80 12.05 -9.75
C ILE B 58 -11.36 13.44 -9.43
N PHE B 59 -10.57 14.41 -8.99
CA PHE B 59 -10.97 15.79 -8.79
C PHE B 59 -10.13 16.67 -9.71
N HIS B 60 -10.53 17.91 -9.98
CA HIS B 60 -9.74 18.83 -10.79
C HIS B 60 -10.06 20.25 -10.30
N CYS B 61 -9.07 21.13 -10.18
CA CYS B 61 -9.37 22.53 -9.86
C CYS B 61 -9.02 23.38 -11.11
N PHE B 62 -10.04 24.08 -11.61
CA PHE B 62 -9.81 24.96 -12.76
C PHE B 62 -9.18 26.30 -12.45
N GLY B 63 -8.91 26.59 -11.19
CA GLY B 63 -8.30 27.82 -10.72
C GLY B 63 -6.85 27.69 -10.32
N CYS B 64 -6.41 26.50 -9.96
CA CYS B 64 -5.00 26.33 -9.57
C CYS B 64 -4.41 25.12 -10.23
N GLY B 65 -5.18 24.26 -10.91
CA GLY B 65 -4.59 23.10 -11.57
C GLY B 65 -4.46 21.86 -10.70
N ALA B 66 -4.78 21.93 -9.40
CA ALA B 66 -4.70 20.78 -8.53
C ALA B 66 -5.61 19.68 -9.06
N GLY B 67 -5.31 18.41 -8.84
CA GLY B 67 -6.20 17.34 -9.30
C GLY B 67 -5.63 15.96 -9.02
N GLY B 68 -6.36 14.92 -9.37
CA GLY B 68 -5.82 13.57 -9.08
C GLY B 68 -6.87 12.66 -8.43
N ASN B 69 -6.49 11.49 -7.92
CA ASN B 69 -7.41 10.57 -7.24
C ASN B 69 -7.42 10.81 -5.73
N ALA B 70 -8.05 9.90 -4.99
CA ALA B 70 -8.22 10.00 -3.54
C ALA B 70 -6.90 10.04 -2.76
N PHE B 71 -5.85 9.34 -3.18
CA PHE B 71 -4.58 9.37 -2.47
C PHE B 71 -3.99 10.75 -2.57
N THR B 72 -3.97 11.31 -3.78
CA THR B 72 -3.43 12.62 -4.05
C THR B 72 -4.23 13.65 -3.25
N PHE B 73 -5.56 13.58 -3.30
CA PHE B 73 -6.28 14.56 -2.47
C PHE B 73 -5.94 14.41 -0.99
N LEU B 74 -5.93 13.23 -0.38
CA LEU B 74 -5.63 13.18 1.06
C LEU B 74 -4.17 13.51 1.35
N MET B 75 -3.18 13.04 0.55
CA MET B 75 -1.82 13.48 0.88
C MET B 75 -1.68 15.00 0.86
N ASP B 76 -2.27 15.71 -0.10
CA ASP B 76 -2.17 17.16 -0.12
C ASP B 76 -3.08 17.93 0.84
N ILE B 77 -4.26 17.44 1.20
CA ILE B 77 -5.16 18.17 2.12
C ILE B 77 -4.65 18.15 3.56
N GLU B 78 -3.98 17.06 3.92
CA GLU B 78 -3.45 16.88 5.26
C GLU B 78 -1.92 16.96 5.33
N GLY B 79 -1.20 16.95 4.20
CA GLY B 79 0.26 16.98 4.24
C GLY B 79 0.78 15.67 4.85
N ILE B 80 0.21 14.53 4.50
CA ILE B 80 0.57 13.23 5.09
C ILE B 80 1.16 12.37 4.00
N PRO B 81 1.99 11.40 4.37
CA PRO B 81 2.62 10.56 3.36
C PRO B 81 1.70 9.50 2.75
N PHE B 82 2.11 8.86 1.66
CA PHE B 82 1.30 7.86 0.98
C PHE B 82 0.83 6.75 1.93
N VAL B 83 1.75 6.18 2.72
CA VAL B 83 1.20 5.10 3.58
C VAL B 83 0.17 5.54 4.62
N GLU B 84 0.19 6.78 5.06
CA GLU B 84 -0.81 7.33 5.98
C GLU B 84 -2.11 7.57 5.21
N ALA B 85 -2.00 8.10 4.00
CA ALA B 85 -3.28 8.23 3.28
C ALA B 85 -3.84 6.85 2.96
N ALA B 86 -3.01 5.86 2.60
CA ALA B 86 -3.48 4.50 2.31
C ALA B 86 -4.12 3.93 3.58
N LYS B 87 -3.62 4.20 4.78
CA LYS B 87 -4.27 3.65 5.97
C LYS B 87 -5.68 4.22 6.16
N ARG B 88 -5.77 5.52 5.97
CA ARG B 88 -7.11 6.09 6.15
C ARG B 88 -8.04 5.64 5.04
N LEU B 89 -7.62 5.50 3.78
CA LEU B 89 -8.55 5.01 2.77
C LEU B 89 -8.83 3.54 3.03
N ALA B 90 -7.85 2.77 3.52
CA ALA B 90 -8.13 1.35 3.80
C ALA B 90 -9.23 1.14 4.83
N ALA B 91 -9.36 2.02 5.81
CA ALA B 91 -10.41 1.89 6.83
C ALA B 91 -11.76 2.13 6.18
N LYS B 92 -11.85 3.10 5.27
CA LYS B 92 -13.12 3.34 4.57
C LYS B 92 -13.42 2.19 3.63
N ALA B 93 -12.40 1.54 3.04
CA ALA B 93 -12.59 0.42 2.13
C ALA B 93 -12.80 -0.93 2.79
N GLY B 94 -12.50 -1.02 4.09
CA GLY B 94 -12.60 -2.29 4.77
C GLY B 94 -11.42 -3.22 4.45
N VAL B 95 -10.26 -2.63 4.12
CA VAL B 95 -9.12 -3.48 3.80
C VAL B 95 -8.16 -3.56 5.00
N ASP B 96 -7.75 -4.78 5.37
CA ASP B 96 -6.82 -4.87 6.48
C ASP B 96 -5.38 -4.47 6.14
N LEU B 97 -4.67 -3.73 6.96
CA LEU B 97 -3.31 -3.34 6.59
C LEU B 97 -2.41 -3.75 7.75
N SER B 98 -2.99 -4.33 8.80
CA SER B 98 -2.19 -4.74 9.96
C SER B 98 -1.09 -5.76 9.65
N VAL B 99 -1.32 -6.72 8.77
CA VAL B 99 -0.38 -7.74 8.32
C VAL B 99 0.84 -7.17 7.62
N TYR B 100 0.88 -5.94 7.15
CA TYR B 100 2.06 -5.39 6.46
C TYR B 100 3.03 -4.59 7.31
N GLU B 101 2.78 -4.49 8.59
CA GLU B 101 3.61 -3.84 9.60
C GLU B 101 4.20 -2.50 9.22
N LEU B 102 3.27 -1.57 8.98
CA LEU B 102 3.63 -0.22 8.62
C LEU B 102 3.56 0.71 9.82
N ASP B 103 2.42 1.31 10.02
CA ASP B 103 1.31 2.07 10.46
C ASP B 103 1.27 3.51 9.95
#